data_6GH8
#
_entry.id   6GH8
#
_cell.length_a   141.808
_cell.length_b   59.294
_cell.length_c   83.567
_cell.angle_alpha   90.00
_cell.angle_beta   90.00
_cell.angle_gamma   90.00
#
_symmetry.space_group_name_H-M   'P 21 21 2'
#
loop_
_entity.id
_entity.type
_entity.pdbx_description
1 polymer Glycoprotein
2 polymer Neuropilin-2
3 non-polymer 2-acetamido-2-deoxy-beta-D-glucopyranose
4 non-polymer 'CALCIUM ION'
5 water water
#
loop_
_entity_poly.entity_id
_entity_poly.type
_entity_poly.pdbx_seq_one_letter_code
_entity_poly.pdbx_strand_id
1 'polypeptide(L)'
;ADLGSHHHHHHGGMSLLSSIPMVSEQQHCIQHNHSSITFSLLTNKSDLEKCNFTRLQAVDRVIFDLFREFHHRVGDFPVT
SDLKCSHNTSYRVIEYEVTKESLPRLQEAVSTLFPDLHLSEDRFLQIQAHDDKNCTGLH
;
D,B
2 'polypeptide(L)'
;ADLGSPCGGRLNSKDAGYITSPGYPQDYPSHQNCEWIVYAPEPNQKIVLNFNPHFEIEKHDCKYDFIEIRDGDSESADLL
GKHCGNIAPPTIISSGSMLYIRFTSDYARQGAGFSLRYEIFKTGSGTHHHHHH
;
A,C
#
loop_
_chem_comp.id
_chem_comp.type
_chem_comp.name
_chem_comp.formula
CA non-polymer 'CALCIUM ION' 'Ca 2'
NAG D-saccharide, beta linking 2-acetamido-2-deoxy-beta-D-glucopyranose 'C8 H15 N O6'
#
# COMPACT_ATOMS: atom_id res chain seq x y z
N GLN A 27 -33.37 -26.44 17.44
CA GLN A 27 -33.68 -25.18 16.78
C GLN A 27 -33.44 -25.27 15.27
N HIS A 28 -32.20 -25.53 14.88
CA HIS A 28 -31.82 -25.68 13.48
C HIS A 28 -32.09 -27.14 13.11
N CYS A 29 -33.06 -27.34 12.24
CA CYS A 29 -33.63 -28.66 11.98
C CYS A 29 -34.40 -28.65 10.67
N ILE A 30 -34.59 -29.85 10.12
CA ILE A 30 -35.40 -30.07 8.92
C ILE A 30 -36.43 -31.14 9.23
N GLN A 31 -37.64 -30.94 8.74
CA GLN A 31 -38.80 -31.76 9.06
C GLN A 31 -39.09 -32.73 7.93
N HIS A 32 -39.31 -34.01 8.27
CA HIS A 32 -39.80 -34.97 7.29
C HIS A 32 -41.00 -35.66 7.90
N ASN A 33 -41.21 -36.95 7.68
CA ASN A 33 -42.51 -37.57 7.92
C ASN A 33 -42.43 -38.25 9.29
N HIS A 34 -43.03 -37.61 10.31
CA HIS A 34 -42.83 -38.00 11.71
C HIS A 34 -41.37 -38.32 11.98
N SER A 35 -40.47 -37.47 11.51
CA SER A 35 -39.05 -37.57 11.85
C SER A 35 -38.36 -36.28 11.46
N SER A 36 -37.24 -36.02 12.12
CA SER A 36 -36.55 -34.76 11.99
C SER A 36 -35.04 -34.97 12.11
N ILE A 37 -34.29 -34.09 11.44
CA ILE A 37 -32.83 -34.13 11.44
C ILE A 37 -32.38 -32.79 11.98
N THR A 38 -31.78 -32.79 13.16
CA THR A 38 -31.36 -31.55 13.82
C THR A 38 -29.86 -31.35 13.68
N PHE A 39 -29.44 -30.11 13.45
CA PHE A 39 -28.03 -29.73 13.43
C PHE A 39 -27.70 -28.95 14.69
N SER A 40 -26.65 -29.38 15.39
CA SER A 40 -26.31 -28.79 16.67
C SER A 40 -24.81 -28.59 16.77
N LEU A 41 -24.42 -27.64 17.62
CA LEU A 41 -23.03 -27.34 17.91
C LEU A 41 -22.72 -27.77 19.33
N LEU A 42 -21.72 -28.63 19.50
CA LEU A 42 -21.33 -29.13 20.80
C LEU A 42 -19.85 -28.82 21.03
N THR A 43 -19.46 -28.83 22.31
CA THR A 43 -18.13 -28.42 22.73
C THR A 43 -17.24 -29.57 23.15
N ASN A 44 -17.78 -30.57 23.85
CA ASN A 44 -16.94 -31.63 24.39
C ASN A 44 -16.64 -32.67 23.31
N LYS A 45 -15.45 -33.24 23.40
CA LYS A 45 -15.05 -34.31 22.48
C LYS A 45 -15.91 -35.54 22.70
N SER A 46 -16.49 -36.05 21.62
CA SER A 46 -17.25 -37.29 21.68
C SER A 46 -16.31 -38.50 21.62
N ASP A 47 -16.82 -39.63 22.07
CA ASP A 47 -16.09 -40.89 22.04
C ASP A 47 -16.34 -41.68 20.76
N LEU A 48 -16.99 -41.07 19.78
CA LEU A 48 -17.30 -41.77 18.53
C LEU A 48 -16.03 -42.12 17.77
N GLU A 49 -16.10 -43.22 17.02
CA GLU A 49 -14.99 -43.65 16.17
C GLU A 49 -15.18 -43.12 14.75
N LYS A 50 -14.14 -43.29 13.93
CA LYS A 50 -14.20 -42.84 12.55
C LYS A 50 -15.39 -43.45 11.82
N CYS A 51 -15.92 -42.70 10.87
CA CYS A 51 -16.99 -43.23 10.04
C CYS A 51 -16.45 -44.35 9.16
N ASN A 52 -17.18 -45.46 9.14
CA ASN A 52 -17.02 -46.54 8.17
C ASN A 52 -18.20 -46.42 7.23
N PHE A 53 -17.97 -45.81 6.05
CA PHE A 53 -19.07 -45.45 5.17
C PHE A 53 -19.79 -46.68 4.62
N THR A 54 -19.05 -47.76 4.32
CA THR A 54 -19.72 -48.97 3.85
C THR A 54 -20.62 -49.54 4.94
N ARG A 55 -20.12 -49.55 6.18
CA ARG A 55 -20.96 -49.99 7.29
C ARG A 55 -22.09 -49.01 7.55
N LEU A 56 -21.79 -47.71 7.50
CA LEU A 56 -22.79 -46.70 7.77
C LEU A 56 -23.87 -46.69 6.70
N GLN A 57 -23.50 -46.99 5.45
CA GLN A 57 -24.49 -47.16 4.39
C GLN A 57 -25.43 -48.33 4.67
N ALA A 58 -24.87 -49.48 5.02
CA ALA A 58 -25.68 -50.69 5.14
C ALA A 58 -26.63 -50.62 6.33
N VAL A 59 -26.18 -50.05 7.45
CA VAL A 59 -26.99 -50.07 8.66
C VAL A 59 -28.11 -49.04 8.60
N ASP A 60 -27.85 -47.86 8.05
CA ASP A 60 -28.88 -46.83 7.97
C ASP A 60 -28.57 -45.97 6.74
N ARG A 61 -29.29 -46.23 5.65
CA ARG A 61 -29.07 -45.51 4.40
C ARG A 61 -29.62 -44.08 4.44
N VAL A 62 -30.60 -43.80 5.30
CA VAL A 62 -31.16 -42.46 5.38
C VAL A 62 -30.09 -41.46 5.81
N ILE A 63 -29.37 -41.77 6.90
CA ILE A 63 -28.31 -40.87 7.36
C ILE A 63 -27.18 -40.78 6.35
N PHE A 64 -27.01 -41.81 5.51
CA PHE A 64 -25.88 -41.80 4.56
C PHE A 64 -26.17 -40.94 3.34
N ASP A 65 -27.38 -41.04 2.78
CA ASP A 65 -27.72 -40.21 1.64
C ASP A 65 -27.91 -38.75 2.05
N LEU A 66 -28.52 -38.51 3.20
CA LEU A 66 -28.48 -37.19 3.81
C LEU A 66 -27.05 -36.69 3.92
N PHE A 67 -26.16 -37.53 4.44
CA PHE A 67 -24.77 -37.16 4.62
C PHE A 67 -24.15 -36.73 3.30
N ARG A 68 -24.39 -37.51 2.23
CA ARG A 68 -23.73 -37.23 0.97
C ARG A 68 -24.38 -36.06 0.24
N GLU A 69 -25.64 -35.77 0.55
CA GLU A 69 -26.21 -34.51 0.08
C GLU A 69 -25.54 -33.33 0.77
N PHE A 70 -25.41 -33.41 2.09
CA PHE A 70 -24.71 -32.36 2.84
C PHE A 70 -23.26 -32.25 2.38
N HIS A 71 -22.55 -33.38 2.36
CA HIS A 71 -21.10 -33.37 2.14
C HIS A 71 -20.71 -32.81 0.79
N HIS A 72 -21.52 -33.03 -0.24
CA HIS A 72 -21.19 -32.45 -1.54
C HIS A 72 -21.22 -30.93 -1.49
N ARG A 73 -22.16 -30.36 -0.72
CA ARG A 73 -22.12 -28.92 -0.48
C ARG A 73 -20.89 -28.52 0.31
N VAL A 74 -20.46 -29.37 1.26
CA VAL A 74 -19.28 -29.05 2.06
C VAL A 74 -18.06 -28.95 1.16
N GLY A 75 -17.99 -29.80 0.14
CA GLY A 75 -16.84 -29.83 -0.74
C GLY A 75 -15.63 -30.48 -0.13
N ASP A 76 -14.52 -29.74 -0.06
CA ASP A 76 -13.27 -30.26 0.43
C ASP A 76 -13.27 -30.22 1.96
N PHE A 77 -13.17 -31.38 2.61
CA PHE A 77 -13.07 -31.47 4.06
C PHE A 77 -11.69 -31.95 4.45
N PRO A 78 -10.95 -31.20 5.28
CA PRO A 78 -9.55 -31.55 5.55
C PRO A 78 -9.43 -32.94 6.18
N VAL A 79 -8.44 -33.70 5.70
CA VAL A 79 -8.20 -35.03 6.25
C VAL A 79 -7.80 -34.94 7.71
N THR A 80 -7.10 -33.87 8.09
CA THR A 80 -6.67 -33.69 9.48
C THR A 80 -7.71 -33.00 10.33
N SER A 81 -8.98 -33.18 10.03
CA SER A 81 -10.08 -32.85 10.93
C SER A 81 -10.94 -34.10 11.07
N ASP A 82 -11.31 -34.43 12.31
CA ASP A 82 -11.97 -35.70 12.56
C ASP A 82 -13.38 -35.68 11.98
N LEU A 83 -13.87 -36.86 11.63
CA LEU A 83 -15.24 -37.00 11.16
C LEU A 83 -15.67 -38.38 11.63
N LYS A 84 -16.55 -38.42 12.61
CA LYS A 84 -16.87 -39.63 13.36
C LYS A 84 -18.33 -40.00 13.18
N CYS A 85 -18.64 -41.26 13.50
CA CYS A 85 -19.96 -41.82 13.21
C CYS A 85 -20.43 -42.64 14.39
N SER A 86 -21.74 -42.75 14.51
CA SER A 86 -22.37 -43.58 15.53
C SER A 86 -22.41 -45.05 15.11
N HIS A 87 -22.86 -45.31 13.88
CA HIS A 87 -23.20 -46.66 13.44
C HIS A 87 -24.25 -47.30 14.36
N ASN A 88 -25.21 -46.48 14.79
CA ASN A 88 -26.30 -46.92 15.64
C ASN A 88 -27.63 -46.44 15.04
N THR A 89 -28.67 -47.24 15.26
CA THR A 89 -30.01 -46.92 14.80
C THR A 89 -30.83 -46.19 15.86
N SER A 90 -30.56 -46.45 17.14
CA SER A 90 -31.23 -45.70 18.20
C SER A 90 -30.59 -44.35 18.42
N TYR A 91 -29.27 -44.25 18.24
CA TYR A 91 -28.51 -43.01 18.38
C TYR A 91 -27.77 -42.80 17.07
N ARG A 92 -28.45 -42.23 16.09
CA ARG A 92 -27.90 -42.03 14.75
C ARG A 92 -27.31 -40.63 14.64
N VAL A 93 -25.99 -40.54 14.73
CA VAL A 93 -25.29 -39.25 14.71
C VAL A 93 -24.13 -39.33 13.73
N ILE A 94 -24.02 -38.32 12.87
CA ILE A 94 -22.79 -38.00 12.15
C ILE A 94 -22.27 -36.69 12.73
N GLU A 95 -20.96 -36.60 12.94
CA GLU A 95 -20.37 -35.46 13.62
C GLU A 95 -19.11 -35.00 12.90
N TYR A 96 -19.11 -33.74 12.46
CA TYR A 96 -17.91 -33.08 11.95
C TYR A 96 -17.16 -32.41 13.11
N GLU A 97 -15.89 -32.13 12.88
CA GLU A 97 -15.08 -31.35 13.81
C GLU A 97 -14.80 -30.00 13.16
N VAL A 98 -15.14 -28.92 13.86
CA VAL A 98 -14.94 -27.58 13.34
C VAL A 98 -13.57 -27.09 13.80
N THR A 99 -12.65 -26.94 12.86
CA THR A 99 -11.30 -26.46 13.12
C THR A 99 -11.06 -25.19 12.30
N LYS A 100 -9.84 -24.66 12.43
CA LYS A 100 -9.42 -23.51 11.61
C LYS A 100 -9.71 -23.76 10.13
N GLU A 101 -9.34 -24.94 9.63
CA GLU A 101 -9.49 -25.29 8.23
C GLU A 101 -10.89 -25.84 7.93
N SER A 102 -11.42 -26.66 8.83
CA SER A 102 -12.76 -27.20 8.65
C SER A 102 -13.82 -26.10 8.55
N LEU A 103 -13.66 -25.00 9.31
CA LEU A 103 -14.76 -24.05 9.51
C LEU A 103 -15.29 -23.42 8.23
N PRO A 104 -14.48 -22.85 7.33
CA PRO A 104 -15.06 -22.15 6.17
C PRO A 104 -15.97 -23.02 5.31
N ARG A 105 -15.54 -24.24 4.97
CA ARG A 105 -16.35 -25.10 4.12
C ARG A 105 -17.59 -25.60 4.85
N LEU A 106 -17.47 -25.90 6.14
CA LEU A 106 -18.62 -26.30 6.93
C LEU A 106 -19.63 -25.17 7.07
N GLN A 107 -19.15 -23.95 7.33
CA GLN A 107 -20.05 -22.82 7.50
C GLN A 107 -20.77 -22.49 6.20
N GLU A 108 -20.05 -22.48 5.08
CA GLU A 108 -20.68 -22.21 3.80
C GLU A 108 -21.79 -23.22 3.52
N ALA A 109 -21.58 -24.47 3.92
CA ALA A 109 -22.58 -25.49 3.67
C ALA A 109 -23.80 -25.32 4.58
N VAL A 110 -23.57 -25.17 5.88
CA VAL A 110 -24.71 -25.04 6.81
C VAL A 110 -25.52 -23.79 6.49
N SER A 111 -24.86 -22.71 6.07
CA SER A 111 -25.55 -21.48 5.72
C SER A 111 -26.61 -21.71 4.64
N THR A 112 -26.34 -22.63 3.70
CA THR A 112 -27.31 -22.91 2.64
C THR A 112 -28.65 -23.33 3.22
N LEU A 113 -28.63 -24.13 4.29
CA LEU A 113 -29.85 -24.64 4.91
C LEU A 113 -30.36 -23.74 6.03
N PHE A 114 -29.48 -23.34 6.94
CA PHE A 114 -29.91 -22.62 8.13
C PHE A 114 -29.21 -21.27 8.21
N PRO A 115 -29.94 -20.19 8.49
CA PRO A 115 -29.35 -18.85 8.58
C PRO A 115 -28.99 -18.41 9.99
N ASP A 116 -29.32 -19.21 11.00
CA ASP A 116 -29.04 -18.87 12.40
C ASP A 116 -28.00 -19.81 13.00
N LEU A 117 -27.29 -20.55 12.17
CA LEU A 117 -26.23 -21.45 12.60
C LEU A 117 -24.90 -20.90 12.12
N HIS A 118 -24.10 -20.36 13.04
CA HIS A 118 -22.77 -19.86 12.74
C HIS A 118 -21.79 -20.62 13.61
N LEU A 119 -20.93 -21.42 12.98
CA LEU A 119 -20.01 -22.26 13.71
C LEU A 119 -18.86 -21.43 14.27
N SER A 120 -18.03 -22.08 15.09
CA SER A 120 -16.80 -21.47 15.56
C SER A 120 -15.78 -22.57 15.82
N GLU A 121 -14.51 -22.17 15.85
CA GLU A 121 -13.38 -23.07 16.03
C GLU A 121 -13.49 -23.86 17.34
N ASP A 122 -12.83 -25.02 17.35
CA ASP A 122 -12.70 -25.88 18.53
C ASP A 122 -14.06 -26.38 19.03
N ARG A 123 -14.97 -26.66 18.09
CA ARG A 123 -16.26 -27.26 18.44
C ARG A 123 -16.55 -28.37 17.44
N PHE A 124 -17.72 -28.97 17.58
CA PHE A 124 -18.15 -30.11 16.76
C PHE A 124 -19.57 -29.87 16.30
N LEU A 125 -19.81 -30.00 15.00
CA LEU A 125 -21.16 -29.89 14.46
C LEU A 125 -21.67 -31.29 14.22
N GLN A 126 -22.80 -31.62 14.84
CA GLN A 126 -23.25 -33.00 14.95
C GLN A 126 -24.64 -33.16 14.36
N ILE A 127 -24.78 -34.13 13.46
CA ILE A 127 -26.03 -34.40 12.75
C ILE A 127 -26.67 -35.63 13.36
N GLN A 128 -27.77 -35.44 14.08
CA GLN A 128 -28.51 -36.52 14.71
C GLN A 128 -29.81 -36.75 13.98
N ALA A 129 -30.17 -38.01 13.83
CA ALA A 129 -31.42 -38.40 13.21
C ALA A 129 -32.38 -38.90 14.28
N HIS A 130 -33.60 -38.38 14.29
CA HIS A 130 -34.63 -38.80 15.23
C HIS A 130 -35.75 -39.46 14.45
N ASP A 131 -36.11 -40.69 14.85
CA ASP A 131 -37.03 -41.47 14.04
C ASP A 131 -38.48 -41.05 14.19
N ASP A 132 -38.86 -40.56 15.37
CA ASP A 132 -40.25 -40.18 15.62
C ASP A 132 -40.45 -38.80 16.21
N LYS A 133 -39.40 -38.14 16.71
CA LYS A 133 -39.60 -36.78 17.16
C LYS A 133 -39.61 -35.88 15.93
N ASN A 134 -40.36 -34.79 16.00
CA ASN A 134 -40.43 -33.89 14.86
C ASN A 134 -39.84 -32.53 15.16
N CYS A 135 -39.73 -31.75 14.08
CA CYS A 135 -39.07 -30.46 14.04
C CYS A 135 -39.97 -29.35 14.62
N THR A 136 -40.27 -29.49 15.91
CA THR A 136 -41.09 -28.51 16.61
C THR A 136 -40.54 -28.23 18.01
N LEU B 3 14.72 -57.11 -1.65
CA LEU B 3 14.63 -55.71 -2.04
C LEU B 3 13.22 -55.39 -2.53
N GLY B 4 12.27 -56.25 -2.15
CA GLY B 4 10.90 -56.05 -2.55
C GLY B 4 10.23 -54.86 -1.88
N SER B 5 10.68 -54.50 -0.68
CA SER B 5 9.98 -53.53 0.15
C SER B 5 9.70 -52.24 -0.61
N PRO B 6 8.49 -51.68 -0.50
CA PRO B 6 8.17 -50.44 -1.22
C PRO B 6 8.77 -49.24 -0.50
N CYS B 7 8.93 -49.36 0.81
CA CYS B 7 9.35 -48.23 1.64
C CYS B 7 10.17 -48.73 2.80
N GLY B 8 11.15 -47.92 3.20
CA GLY B 8 11.88 -48.16 4.43
C GLY B 8 13.34 -48.45 4.21
N GLY B 9 13.99 -49.07 5.18
CA GLY B 9 15.37 -49.51 5.02
C GLY B 9 16.27 -48.92 6.08
N ARG B 10 17.49 -49.48 6.11
CA ARG B 10 18.57 -48.99 6.96
C ARG B 10 19.38 -47.96 6.20
N LEU B 11 19.55 -46.78 6.78
CA LEU B 11 20.28 -45.67 6.17
C LEU B 11 21.45 -45.26 7.04
N ASN B 12 22.56 -44.91 6.39
CA ASN B 12 23.76 -44.45 7.07
C ASN B 12 23.77 -42.93 7.03
N SER B 13 23.95 -42.31 8.19
CA SER B 13 23.70 -40.89 8.34
C SER B 13 24.91 -40.00 8.12
N LYS B 14 26.09 -40.56 7.81
CA LYS B 14 27.26 -39.73 7.60
C LYS B 14 27.02 -38.67 6.52
N ASP B 15 26.23 -39.03 5.51
CA ASP B 15 25.71 -38.05 4.56
C ASP B 15 24.25 -37.78 4.89
N ALA B 16 23.93 -36.52 5.14
CA ALA B 16 22.56 -36.15 5.48
C ALA B 16 21.62 -36.51 4.34
N GLY B 17 20.45 -37.04 4.70
CA GLY B 17 19.45 -37.43 3.73
C GLY B 17 18.06 -37.10 4.19
N TYR B 18 17.05 -37.55 3.44
CA TYR B 18 15.66 -37.27 3.74
C TYR B 18 14.86 -38.56 3.82
N ILE B 19 13.82 -38.54 4.65
CA ILE B 19 12.90 -39.65 4.80
C ILE B 19 11.48 -39.10 4.70
N THR B 20 10.68 -39.66 3.79
CA THR B 20 9.40 -39.10 3.43
C THR B 20 8.35 -40.21 3.36
N SER B 21 7.10 -39.83 3.61
CA SER B 21 6.00 -40.75 3.36
C SER B 21 5.92 -41.06 1.87
N PRO B 22 5.49 -42.30 1.51
CA PRO B 22 5.49 -42.70 0.08
C PRO B 22 4.66 -41.79 -0.79
N GLY B 23 5.31 -41.04 -1.68
CA GLY B 23 4.62 -40.13 -2.56
C GLY B 23 4.62 -38.68 -2.12
N TYR B 24 5.19 -38.35 -0.95
CA TYR B 24 5.21 -36.98 -0.49
C TYR B 24 5.85 -36.08 -1.55
N PRO B 25 5.32 -34.87 -1.79
CA PRO B 25 4.20 -34.21 -1.09
C PRO B 25 2.81 -34.64 -1.54
N GLN B 26 2.72 -35.58 -2.48
CA GLN B 26 1.41 -36.06 -2.85
C GLN B 26 0.89 -37.03 -1.78
N ASP B 27 -0.39 -37.36 -1.87
CA ASP B 27 -1.02 -38.14 -0.80
C ASP B 27 -0.44 -39.55 -0.73
N TYR B 28 -0.03 -39.93 0.48
CA TYR B 28 0.53 -41.25 0.70
C TYR B 28 -0.52 -42.33 0.41
N PRO B 29 -0.10 -43.56 0.16
CA PRO B 29 -1.05 -44.63 -0.13
C PRO B 29 -1.76 -45.08 1.15
N SER B 30 -2.79 -45.91 0.94
CA SER B 30 -3.45 -46.59 2.04
C SER B 30 -2.68 -47.85 2.42
N HIS B 31 -2.96 -48.35 3.62
CA HIS B 31 -2.44 -49.64 4.10
C HIS B 31 -0.91 -49.69 4.12
N GLN B 32 -0.27 -48.53 4.30
CA GLN B 32 1.18 -48.48 4.33
C GLN B 32 1.71 -48.98 5.68
N ASN B 33 2.95 -49.45 5.67
CA ASN B 33 3.61 -49.89 6.90
C ASN B 33 5.13 -49.85 6.73
N CYS B 34 5.68 -48.65 6.70
CA CYS B 34 7.09 -48.39 6.48
C CYS B 34 7.88 -48.36 7.79
N GLU B 35 9.09 -48.92 7.75
CA GLU B 35 10.01 -48.93 8.88
C GLU B 35 11.39 -48.46 8.45
N TRP B 36 11.94 -47.48 9.17
CA TRP B 36 13.29 -47.00 8.92
C TRP B 36 14.16 -47.21 10.15
N ILE B 37 15.45 -47.41 9.90
CA ILE B 37 16.48 -47.37 10.93
C ILE B 37 17.63 -46.53 10.37
N VAL B 38 17.89 -45.38 10.99
CA VAL B 38 19.00 -44.51 10.62
C VAL B 38 20.01 -44.57 11.75
N TYR B 39 21.29 -44.72 11.41
CA TYR B 39 22.33 -44.96 12.40
C TYR B 39 23.53 -44.09 12.13
N ALA B 40 24.21 -43.72 13.20
CA ALA B 40 25.44 -42.98 13.06
C ALA B 40 26.60 -43.93 12.79
N PRO B 41 27.55 -43.54 11.94
CA PRO B 41 28.67 -44.43 11.63
C PRO B 41 29.43 -44.89 12.85
N GLU B 42 29.59 -44.04 13.86
CA GLU B 42 30.36 -44.39 15.03
C GLU B 42 29.54 -44.17 16.29
N PRO B 43 29.79 -44.96 17.35
CA PRO B 43 28.80 -45.08 18.43
C PRO B 43 28.68 -43.85 19.30
N ASN B 44 29.64 -42.92 19.24
CA ASN B 44 29.54 -41.71 20.06
C ASN B 44 28.56 -40.70 19.49
N GLN B 45 28.41 -40.66 18.16
CA GLN B 45 27.57 -39.65 17.54
C GLN B 45 26.10 -39.91 17.80
N LYS B 46 25.29 -38.88 17.61
CA LYS B 46 23.84 -38.98 17.74
C LYS B 46 23.18 -38.34 16.53
N ILE B 47 21.91 -38.71 16.32
CA ILE B 47 21.15 -38.31 15.14
C ILE B 47 20.13 -37.25 15.52
N VAL B 48 19.89 -36.31 14.61
CA VAL B 48 18.90 -35.26 14.81
C VAL B 48 18.01 -35.17 13.59
N LEU B 49 16.69 -35.15 13.82
CA LEU B 49 15.70 -35.08 12.76
C LEU B 49 15.09 -33.68 12.73
N ASN B 50 14.74 -33.23 11.53
CA ASN B 50 14.01 -31.98 11.37
C ASN B 50 12.95 -32.15 10.31
N PHE B 51 11.70 -31.94 10.68
CA PHE B 51 10.57 -32.14 9.79
C PHE B 51 10.34 -30.90 8.94
N ASN B 52 9.80 -31.13 7.75
CA ASN B 52 9.41 -30.00 6.91
C ASN B 52 8.08 -29.45 7.42
N PRO B 53 7.89 -28.13 7.33
CA PRO B 53 6.63 -27.54 7.84
C PRO B 53 5.39 -28.16 7.20
N HIS B 54 5.45 -28.53 5.93
CA HIS B 54 4.32 -29.19 5.28
C HIS B 54 4.17 -30.59 5.85
N PHE B 55 3.06 -30.82 6.56
CA PHE B 55 2.89 -32.00 7.39
C PHE B 55 1.39 -32.28 7.47
N GLU B 56 0.94 -33.32 6.77
CA GLU B 56 -0.49 -33.62 6.70
C GLU B 56 -0.70 -35.11 6.88
N ILE B 57 -1.05 -35.51 8.10
CA ILE B 57 -1.35 -36.90 8.43
C ILE B 57 -2.69 -36.94 9.13
N GLU B 58 -3.54 -37.90 8.75
CA GLU B 58 -4.89 -37.96 9.30
C GLU B 58 -4.83 -38.03 10.82
N LYS B 59 -5.57 -37.14 11.46
CA LYS B 59 -5.61 -37.06 12.91
C LYS B 59 -6.88 -37.74 13.41
N HIS B 60 -6.71 -38.61 14.40
CA HIS B 60 -7.83 -39.18 15.13
C HIS B 60 -7.26 -39.69 16.43
N ASP B 61 -6.70 -38.79 17.24
CA ASP B 61 -5.76 -39.16 18.30
C ASP B 61 -4.72 -40.15 17.78
N CYS B 62 -4.31 -39.94 16.53
CA CYS B 62 -3.22 -40.69 15.90
C CYS B 62 -3.47 -42.20 15.98
N LYS B 63 -4.70 -42.62 15.77
CA LYS B 63 -5.02 -44.04 15.88
C LYS B 63 -4.92 -44.74 14.53
N TYR B 64 -5.04 -44.01 13.43
CA TYR B 64 -5.11 -44.57 12.07
C TYR B 64 -3.80 -44.30 11.33
N ASP B 65 -3.59 -43.07 10.89
CA ASP B 65 -2.36 -42.65 10.24
C ASP B 65 -1.49 -41.96 11.28
N PHE B 66 -0.21 -42.31 11.31
CA PHE B 66 0.69 -41.67 12.25
C PHE B 66 2.13 -41.97 11.85
N ILE B 67 3.03 -41.15 12.39
CA ILE B 67 4.46 -41.39 12.36
C ILE B 67 4.92 -41.53 13.80
N GLU B 68 5.78 -42.51 14.06
CA GLU B 68 6.30 -42.72 15.38
C GLU B 68 7.82 -42.80 15.33
N ILE B 69 8.46 -42.25 16.36
CA ILE B 69 9.91 -42.20 16.47
C ILE B 69 10.28 -42.78 17.82
N ARG B 70 11.25 -43.70 17.81
CA ARG B 70 11.75 -44.26 19.06
C ARG B 70 13.26 -44.27 19.07
N ASP B 71 13.81 -44.48 20.26
CA ASP B 71 15.23 -44.25 20.56
C ASP B 71 15.96 -45.59 20.55
N GLY B 72 16.20 -46.12 19.35
CA GLY B 72 16.94 -47.35 19.24
C GLY B 72 16.64 -48.07 17.93
N ASP B 73 17.13 -49.31 17.87
CA ASP B 73 16.97 -50.14 16.68
C ASP B 73 15.57 -50.74 16.59
N SER B 74 15.12 -51.41 17.66
CA SER B 74 13.87 -52.16 17.60
C SER B 74 12.67 -51.22 17.62
N GLU B 75 11.49 -51.80 17.44
CA GLU B 75 10.24 -51.09 17.71
C GLU B 75 9.92 -51.00 19.19
N SER B 76 10.65 -51.73 20.04
CA SER B 76 10.40 -51.71 21.47
C SER B 76 11.22 -50.65 22.18
N ALA B 77 12.01 -49.88 21.45
CA ALA B 77 12.79 -48.81 22.05
C ALA B 77 11.88 -47.73 22.61
N ASP B 78 12.44 -46.92 23.52
CA ASP B 78 11.66 -45.89 24.18
C ASP B 78 11.07 -44.92 23.16
N LEU B 79 9.78 -44.62 23.33
CA LEU B 79 9.06 -43.82 22.34
C LEU B 79 9.43 -42.35 22.49
N LEU B 80 9.88 -41.75 21.39
CA LEU B 80 10.19 -40.32 21.36
C LEU B 80 9.04 -39.46 20.87
N GLY B 81 8.10 -40.05 20.15
CA GLY B 81 6.97 -39.29 19.66
C GLY B 81 6.10 -40.09 18.70
N LYS B 82 4.81 -39.85 18.70
CA LYS B 82 3.90 -40.49 17.75
C LYS B 82 2.97 -39.36 17.29
N HIS B 83 3.16 -38.90 16.05
CA HIS B 83 2.61 -37.64 15.58
C HIS B 83 1.67 -37.87 14.40
N CYS B 84 0.59 -37.10 14.39
CA CYS B 84 -0.37 -37.04 13.30
C CYS B 84 -0.90 -35.62 13.23
N GLY B 85 -1.80 -35.36 12.28
CA GLY B 85 -2.46 -34.07 12.23
C GLY B 85 -1.83 -33.05 11.29
N ASN B 86 -1.85 -31.79 11.73
CA ASN B 86 -1.56 -30.64 10.88
C ASN B 86 -0.21 -29.99 11.16
N ILE B 87 0.33 -30.11 12.36
CA ILE B 87 1.51 -29.38 12.78
C ILE B 87 2.69 -30.34 12.81
N ALA B 88 3.79 -29.95 12.16
CA ALA B 88 4.97 -30.80 12.13
C ALA B 88 5.61 -30.85 13.51
N PRO B 89 6.18 -31.99 13.90
CA PRO B 89 6.78 -32.12 15.22
C PRO B 89 8.07 -31.34 15.32
N PRO B 90 8.48 -30.96 16.53
CA PRO B 90 9.74 -30.19 16.67
C PRO B 90 10.97 -31.05 16.44
N THR B 91 12.14 -30.42 16.51
CA THR B 91 13.40 -31.12 16.33
C THR B 91 13.55 -32.27 17.33
N ILE B 92 13.87 -33.44 16.80
CA ILE B 92 14.15 -34.64 17.59
C ILE B 92 15.66 -34.89 17.57
N ILE B 93 16.23 -35.20 18.73
CA ILE B 93 17.64 -35.52 18.85
C ILE B 93 17.77 -36.89 19.51
N SER B 94 18.41 -37.82 18.83
CA SER B 94 18.61 -39.17 19.37
C SER B 94 19.46 -39.12 20.64
N SER B 95 19.15 -40.05 21.55
CA SER B 95 19.97 -40.23 22.75
C SER B 95 21.17 -41.13 22.50
N GLY B 96 20.95 -42.23 21.77
CA GLY B 96 22.05 -43.13 21.41
C GLY B 96 22.57 -42.86 20.01
N SER B 97 22.75 -43.91 19.22
CA SER B 97 23.24 -43.76 17.85
C SER B 97 22.34 -44.45 16.83
N MET B 98 21.13 -44.85 17.24
CA MET B 98 20.18 -45.50 16.35
C MET B 98 18.81 -44.87 16.57
N LEU B 99 18.09 -44.62 15.48
CA LEU B 99 16.75 -44.08 15.53
C LEU B 99 15.81 -44.94 14.71
N TYR B 100 14.65 -45.25 15.28
CA TYR B 100 13.63 -46.06 14.63
C TYR B 100 12.46 -45.17 14.24
N ILE B 101 12.10 -45.21 12.95
CA ILE B 101 11.00 -44.41 12.41
C ILE B 101 10.03 -45.34 11.69
N ARG B 102 8.74 -45.09 11.87
CA ARG B 102 7.71 -45.92 11.25
C ARG B 102 6.52 -45.06 10.84
N PHE B 103 6.02 -45.29 9.63
CA PHE B 103 4.81 -44.65 9.13
C PHE B 103 3.76 -45.73 8.89
N THR B 104 2.53 -45.47 9.34
CA THR B 104 1.44 -46.43 9.20
C THR B 104 0.23 -45.74 8.59
N SER B 105 -0.36 -46.38 7.57
CA SER B 105 -1.56 -45.90 6.90
C SER B 105 -2.63 -46.97 6.99
N ASP B 106 -3.88 -46.54 7.18
CA ASP B 106 -5.01 -47.44 7.26
C ASP B 106 -5.74 -47.48 5.90
N TYR B 107 -7.01 -47.91 5.90
CA TYR B 107 -7.72 -48.16 4.65
C TYR B 107 -8.35 -46.91 4.03
N ALA B 108 -8.72 -45.90 4.81
CA ALA B 108 -9.65 -44.90 4.30
C ALA B 108 -8.97 -43.68 3.70
N ARG B 109 -8.77 -42.64 4.50
CA ARG B 109 -8.44 -41.30 4.03
C ARG B 109 -6.96 -40.99 4.23
N GLN B 110 -6.39 -40.22 3.29
CA GLN B 110 -4.98 -39.91 3.25
C GLN B 110 -4.78 -38.41 3.13
N GLY B 111 -3.55 -37.98 3.39
CA GLY B 111 -3.13 -36.60 3.23
C GLY B 111 -1.71 -36.53 2.67
N ALA B 112 -1.11 -35.34 2.63
CA ALA B 112 0.21 -35.20 2.02
C ALA B 112 1.28 -36.02 2.74
N GLY B 113 1.12 -36.26 4.03
CA GLY B 113 2.11 -37.05 4.74
C GLY B 113 3.17 -36.22 5.43
N PHE B 114 4.39 -36.76 5.49
CA PHE B 114 5.48 -36.13 6.21
C PHE B 114 6.76 -36.21 5.41
N SER B 115 7.71 -35.36 5.78
CA SER B 115 9.07 -35.41 5.27
C SER B 115 10.01 -34.87 6.35
N LEU B 116 11.15 -35.52 6.52
CA LEU B 116 12.13 -35.06 7.50
C LEU B 116 13.52 -35.23 6.91
N ARG B 117 14.49 -34.62 7.57
CA ARG B 117 15.89 -34.71 7.15
C ARG B 117 16.73 -35.17 8.33
N TYR B 118 17.52 -36.21 8.11
CA TYR B 118 18.36 -36.79 9.15
C TYR B 118 19.82 -36.45 8.90
N GLU B 119 20.54 -36.18 9.98
CA GLU B 119 21.97 -35.88 9.92
C GLU B 119 22.55 -36.17 11.30
N ILE B 120 23.85 -35.96 11.42
CA ILE B 120 24.54 -36.18 12.68
C ILE B 120 24.55 -34.86 13.44
N PHE B 121 24.40 -34.92 14.76
CA PHE B 121 24.23 -33.71 15.54
C PHE B 121 25.56 -32.99 15.68
N LYS B 122 25.51 -31.65 15.60
CA LYS B 122 26.69 -30.79 15.71
C LYS B 122 27.72 -31.11 14.64
N GLN C 27 -20.92 49.52 -4.19
CA GLN C 27 -21.02 50.86 -4.77
C GLN C 27 -20.82 50.79 -6.29
N HIS C 28 -19.61 50.38 -6.68
CA HIS C 28 -19.24 50.22 -8.09
C HIS C 28 -19.63 48.81 -8.53
N CYS C 29 -20.61 48.71 -9.43
CA CYS C 29 -21.16 47.41 -9.78
C CYS C 29 -21.90 47.57 -11.10
N ILE C 30 -22.11 46.44 -11.79
CA ILE C 30 -22.91 46.42 -13.02
C ILE C 30 -24.00 45.37 -12.88
N GLN C 31 -25.22 45.74 -13.25
CA GLN C 31 -26.41 44.93 -13.01
C GLN C 31 -26.83 44.21 -14.29
N HIS C 32 -26.93 42.88 -14.21
CA HIS C 32 -27.53 42.06 -15.26
C HIS C 32 -28.39 40.98 -14.62
N ASN C 33 -28.32 39.73 -15.03
CA ASN C 33 -29.43 38.82 -14.74
C ASN C 33 -29.22 38.09 -13.42
N HIS C 34 -29.96 38.53 -12.41
CA HIS C 34 -30.01 37.93 -11.09
C HIS C 34 -28.62 37.57 -10.61
N SER C 35 -27.68 38.47 -10.91
CA SER C 35 -26.30 38.45 -10.48
C SER C 35 -25.67 39.80 -10.81
N SER C 36 -24.59 40.12 -10.10
CA SER C 36 -23.95 41.43 -10.23
C SER C 36 -22.45 41.24 -10.08
N ILE C 37 -21.69 42.16 -10.68
CA ILE C 37 -20.24 42.06 -10.73
C ILE C 37 -19.68 43.28 -10.00
N THR C 38 -19.01 43.03 -8.88
CA THR C 38 -18.56 44.09 -7.99
C THR C 38 -17.09 44.41 -8.24
N PHE C 39 -16.78 45.70 -8.31
CA PHE C 39 -15.41 46.19 -8.37
C PHE C 39 -15.12 46.91 -7.07
N SER C 40 -14.05 46.52 -6.38
CA SER C 40 -13.77 47.05 -5.06
C SER C 40 -12.29 47.31 -4.91
N LEU C 41 -11.96 48.24 -4.02
CA LEU C 41 -10.58 48.55 -3.67
C LEU C 41 -10.33 48.08 -2.24
N LEU C 42 -9.33 47.22 -2.06
CA LEU C 42 -8.95 46.70 -0.77
C LEU C 42 -7.50 47.02 -0.48
N THR C 43 -7.16 47.00 0.81
CA THR C 43 -5.85 47.39 1.29
C THR C 43 -4.99 46.21 1.73
N ASN C 44 -5.60 45.20 2.34
CA ASN C 44 -4.84 44.09 2.89
C ASN C 44 -4.48 43.08 1.81
N LYS C 45 -3.31 42.46 1.99
CA LYS C 45 -2.85 41.42 1.08
C LYS C 45 -3.74 40.19 1.20
N SER C 46 -4.25 39.71 0.06
CA SER C 46 -5.05 38.51 0.06
C SER C 46 -4.16 37.27 0.05
N ASP C 47 -4.73 36.14 0.50
CA ASP C 47 -4.03 34.88 0.51
C ASP C 47 -4.30 34.02 -0.73
N LEU C 48 -5.01 34.56 -1.72
CA LEU C 48 -5.32 33.80 -2.92
C LEU C 48 -4.05 33.53 -3.73
N GLU C 49 -4.06 32.42 -4.46
CA GLU C 49 -2.94 32.02 -5.30
C GLU C 49 -3.10 32.56 -6.72
N LYS C 50 -2.04 32.37 -7.52
CA LYS C 50 -2.02 32.81 -8.91
C LYS C 50 -3.20 32.23 -9.68
N CYS C 51 -3.68 32.99 -10.65
CA CYS C 51 -4.76 32.53 -11.52
C CYS C 51 -4.28 31.38 -12.41
N ASN C 52 -5.10 30.34 -12.49
CA ASN C 52 -4.97 29.28 -13.50
C ASN C 52 -6.09 29.52 -14.51
N PHE C 53 -5.75 30.14 -15.65
CA PHE C 53 -6.78 30.60 -16.58
C PHE C 53 -7.53 29.42 -17.19
N THR C 54 -6.84 28.31 -17.44
CA THR C 54 -7.53 27.14 -17.96
C THR C 54 -8.50 26.57 -16.92
N ARG C 55 -8.08 26.52 -15.66
CA ARG C 55 -8.97 26.07 -14.59
C ARG C 55 -10.08 27.08 -14.32
N LEU C 56 -9.72 28.38 -14.30
CA LEU C 56 -10.72 29.42 -14.03
C LEU C 56 -11.76 29.47 -15.15
N GLN C 57 -11.35 29.17 -16.38
CA GLN C 57 -12.32 29.02 -17.47
C GLN C 57 -13.30 27.91 -17.17
N ALA C 58 -12.78 26.73 -16.78
CA ALA C 58 -13.62 25.56 -16.62
C ALA C 58 -14.54 25.67 -15.41
N VAL C 59 -14.04 26.26 -14.32
CA VAL C 59 -14.83 26.31 -13.09
C VAL C 59 -15.91 27.39 -13.18
N ASP C 60 -15.60 28.53 -13.77
CA ASP C 60 -16.57 29.62 -13.87
C ASP C 60 -16.22 30.43 -15.12
N ARG C 61 -16.92 30.14 -16.22
CA ARG C 61 -16.67 30.81 -17.48
C ARG C 61 -17.25 32.22 -17.53
N VAL C 62 -18.26 32.50 -16.70
CA VAL C 62 -18.85 33.84 -16.69
C VAL C 62 -17.82 34.88 -16.27
N ILE C 63 -17.15 34.65 -15.14
CA ILE C 63 -16.11 35.57 -14.71
C ILE C 63 -14.93 35.56 -15.66
N PHE C 64 -14.75 34.47 -16.43
CA PHE C 64 -13.58 34.37 -17.29
C PHE C 64 -13.74 35.21 -18.55
N ASP C 65 -14.93 35.19 -19.15
CA ASP C 65 -15.20 36.07 -20.28
C ASP C 65 -15.34 37.51 -19.81
N LEU C 66 -15.95 37.71 -18.63
CA LEU C 66 -15.90 38.99 -17.94
C LEU C 66 -14.46 39.49 -17.88
N PHE C 67 -13.55 38.64 -17.41
CA PHE C 67 -12.15 39.01 -17.26
C PHE C 67 -11.52 39.38 -18.59
N ARG C 68 -11.77 38.59 -19.64
CA ARG C 68 -11.01 38.82 -20.87
C ARG C 68 -11.54 40.03 -21.65
N GLU C 69 -12.79 40.41 -21.42
CA GLU C 69 -13.26 41.71 -21.89
C GLU C 69 -12.57 42.83 -21.13
N PHE C 70 -12.52 42.70 -19.80
CA PHE C 70 -11.84 43.67 -18.96
C PHE C 70 -10.36 43.78 -19.32
N HIS C 71 -9.66 42.65 -19.37
CA HIS C 71 -8.20 42.69 -19.54
C HIS C 71 -7.77 43.34 -20.84
N HIS C 72 -8.54 43.21 -21.92
CA HIS C 72 -8.13 43.85 -23.17
C HIS C 72 -8.15 45.37 -23.05
N ARG C 73 -9.06 45.89 -22.23
CA ARG C 73 -9.07 47.31 -21.92
C ARG C 73 -7.79 47.70 -21.19
N VAL C 74 -7.33 46.84 -20.29
CA VAL C 74 -6.11 47.10 -19.52
C VAL C 74 -4.88 47.18 -20.42
N GLY C 75 -4.82 46.32 -21.44
CA GLY C 75 -3.65 46.25 -22.28
C GLY C 75 -2.49 45.55 -21.59
N ASP C 76 -1.36 46.24 -21.44
CA ASP C 76 -0.17 45.64 -20.82
C ASP C 76 -0.29 45.64 -19.31
N PHE C 77 -0.25 44.44 -18.73
CA PHE C 77 -0.22 44.27 -17.29
C PHE C 77 1.16 43.75 -16.91
N PRO C 78 1.91 44.44 -16.04
CA PRO C 78 3.29 44.02 -15.76
C PRO C 78 3.34 42.64 -15.16
N VAL C 79 4.31 41.85 -15.64
CA VAL C 79 4.47 40.48 -15.13
C VAL C 79 4.79 40.52 -13.64
N THR C 80 5.50 41.55 -13.18
CA THR C 80 5.85 41.71 -11.77
C THR C 80 4.78 42.45 -10.97
N SER C 81 3.51 42.34 -11.35
CA SER C 81 2.40 42.73 -10.51
C SER C 81 1.48 41.53 -10.37
N ASP C 82 1.04 41.25 -9.15
CA ASP C 82 0.34 40.00 -8.89
C ASP C 82 -1.06 40.02 -9.52
N LEU C 83 -1.53 38.81 -9.84
CA LEU C 83 -2.90 38.59 -10.30
C LEU C 83 -3.34 37.23 -9.77
N LYS C 84 -4.26 37.25 -8.82
CA LYS C 84 -4.63 36.07 -8.06
C LYS C 84 -6.09 35.75 -8.30
N CYS C 85 -6.47 34.52 -7.98
CA CYS C 85 -7.79 34.02 -8.32
C CYS C 85 -8.35 33.20 -7.16
N SER C 86 -9.68 33.15 -7.12
CA SER C 86 -10.37 32.32 -6.13
C SER C 86 -10.44 30.87 -6.59
N HIS C 87 -10.85 30.64 -7.85
CA HIS C 87 -11.23 29.32 -8.35
C HIS C 87 -12.35 28.73 -7.50
N ASN C 88 -13.30 29.56 -7.08
CA ASN C 88 -14.41 29.10 -6.26
C ASN C 88 -15.72 29.61 -6.83
N THR C 89 -16.78 28.83 -6.63
CA THR C 89 -18.10 29.19 -7.13
C THR C 89 -18.92 30.00 -6.13
N SER C 90 -18.72 29.79 -4.83
CA SER C 90 -19.43 30.60 -3.84
C SER C 90 -18.75 31.95 -3.64
N TYR C 91 -17.43 32.00 -3.78
CA TYR C 91 -16.64 33.21 -3.61
C TYR C 91 -15.85 33.40 -4.90
N ARG C 92 -16.48 34.03 -5.89
CA ARG C 92 -15.89 34.18 -7.22
C ARG C 92 -15.13 35.51 -7.25
N VAL C 93 -13.81 35.43 -7.17
CA VAL C 93 -12.96 36.61 -7.03
C VAL C 93 -11.83 36.58 -8.04
N ILE C 94 -11.68 37.69 -8.77
CA ILE C 94 -10.44 38.04 -9.46
C ILE C 94 -9.91 39.30 -8.79
N GLU C 95 -8.60 39.34 -8.55
CA GLU C 95 -7.98 40.46 -7.85
C GLU C 95 -6.69 40.85 -8.55
N TYR C 96 -6.64 42.10 -9.02
CA TYR C 96 -5.42 42.68 -9.55
C TYR C 96 -4.65 43.35 -8.43
N GLU C 97 -3.36 43.57 -8.64
CA GLU C 97 -2.58 44.37 -7.72
C GLU C 97 -2.20 45.68 -8.40
N VAL C 98 -2.56 46.79 -7.77
CA VAL C 98 -2.32 48.11 -8.31
C VAL C 98 -0.96 48.57 -7.80
N THR C 99 0.00 48.71 -8.71
CA THR C 99 1.34 49.15 -8.38
C THR C 99 1.67 50.44 -9.12
N LYS C 100 2.90 50.91 -8.92
CA LYS C 100 3.39 52.07 -9.65
C LYS C 100 3.16 51.90 -11.15
N GLU C 101 3.51 50.73 -11.70
CA GLU C 101 3.44 50.48 -13.13
C GLU C 101 2.06 50.02 -13.58
N SER C 102 1.42 49.12 -12.82
CA SER C 102 0.08 48.65 -13.16
C SER C 102 -0.93 49.79 -13.19
N LEU C 103 -0.78 50.78 -12.31
CA LEU C 103 -1.84 51.74 -12.04
C LEU C 103 -2.34 52.48 -13.28
N PRO C 104 -1.48 53.08 -14.12
CA PRO C 104 -2.02 53.87 -15.25
C PRO C 104 -2.94 53.06 -16.15
N ARG C 105 -2.53 51.85 -16.54
CA ARG C 105 -3.37 51.04 -17.41
C ARG C 105 -4.59 50.52 -16.67
N LEU C 106 -4.44 50.17 -15.40
CA LEU C 106 -5.59 49.71 -14.63
C LEU C 106 -6.60 50.83 -14.46
N GLN C 107 -6.13 52.05 -14.18
CA GLN C 107 -7.05 53.17 -14.00
C GLN C 107 -7.77 53.51 -15.30
N GLU C 108 -7.04 53.52 -16.41
CA GLU C 108 -7.67 53.81 -17.70
C GLU C 108 -8.78 52.82 -18.02
N ALA C 109 -8.60 51.55 -17.65
CA ALA C 109 -9.61 50.54 -17.93
C ALA C 109 -10.82 50.70 -17.02
N VAL C 110 -10.60 50.85 -15.71
CA VAL C 110 -11.74 51.05 -14.81
C VAL C 110 -12.41 52.37 -15.15
N SER C 111 -11.64 53.35 -15.65
CA SER C 111 -12.21 54.62 -16.06
C SER C 111 -13.32 54.43 -17.09
N THR C 112 -13.15 53.47 -18.00
CA THR C 112 -14.16 53.23 -19.03
C THR C 112 -15.53 52.89 -18.45
N LEU C 113 -15.55 52.14 -17.34
CA LEU C 113 -16.83 51.67 -16.81
C LEU C 113 -17.43 52.63 -15.77
N PHE C 114 -16.65 52.98 -14.74
CA PHE C 114 -17.15 53.75 -13.61
C PHE C 114 -16.31 55.01 -13.44
N PRO C 115 -16.93 56.18 -13.23
CA PRO C 115 -16.15 57.42 -13.18
C PRO C 115 -15.73 57.87 -11.79
N ASP C 116 -16.21 57.19 -10.74
CA ASP C 116 -15.88 57.57 -9.37
C ASP C 116 -15.07 56.50 -8.63
N LEU C 117 -14.45 55.58 -9.35
CA LEU C 117 -13.58 54.57 -8.75
C LEU C 117 -12.17 54.94 -9.16
N HIS C 118 -11.37 55.43 -8.20
CA HIS C 118 -10.01 55.88 -8.45
C HIS C 118 -9.05 55.04 -7.61
N LEU C 119 -8.17 54.30 -8.30
CA LEU C 119 -7.23 53.41 -7.64
C LEU C 119 -6.10 54.19 -6.97
N SER C 120 -5.27 53.45 -6.23
CA SER C 120 -4.07 54.02 -5.64
C SER C 120 -3.02 52.93 -5.51
N GLU C 121 -1.76 53.35 -5.40
CA GLU C 121 -0.65 52.43 -5.25
C GLU C 121 -0.83 51.58 -4.00
N ASP C 122 -0.20 50.41 -4.01
CA ASP C 122 -0.14 49.52 -2.85
C ASP C 122 -1.53 49.07 -2.39
N ARG C 123 -2.42 48.86 -3.35
CA ARG C 123 -3.75 48.32 -3.07
C ARG C 123 -4.08 47.26 -4.10
N PHE C 124 -5.29 46.72 -4.01
CA PHE C 124 -5.76 45.64 -4.87
C PHE C 124 -7.17 45.96 -5.32
N LEU C 125 -7.42 45.87 -6.61
CA LEU C 125 -8.75 46.05 -7.16
C LEU C 125 -9.33 44.68 -7.42
N GLN C 126 -10.51 44.42 -6.87
CA GLN C 126 -11.05 43.07 -6.74
C GLN C 126 -12.38 42.96 -7.48
N ILE C 127 -12.50 41.96 -8.35
CA ILE C 127 -13.70 41.74 -9.14
C ILE C 127 -14.41 40.55 -8.51
N GLN C 128 -15.52 40.77 -7.83
CA GLN C 128 -16.25 39.69 -7.20
C GLN C 128 -17.59 39.46 -7.90
N ALA C 129 -17.93 38.19 -8.09
CA ALA C 129 -19.18 37.77 -8.70
C ALA C 129 -20.10 37.16 -7.65
N HIS C 130 -21.34 37.63 -7.63
CA HIS C 130 -22.36 37.17 -6.68
C HIS C 130 -23.46 36.44 -7.43
N ASP C 131 -23.81 35.25 -6.94
CA ASP C 131 -24.67 34.33 -7.69
C ASP C 131 -26.13 34.78 -7.67
N ASP C 132 -26.57 35.43 -6.58
CA ASP C 132 -27.97 35.84 -6.46
C ASP C 132 -28.18 37.29 -6.07
N LYS C 133 -27.16 37.99 -5.60
CA LYS C 133 -27.31 39.39 -5.28
C LYS C 133 -27.23 40.29 -6.51
N ASN C 134 -27.96 41.39 -6.48
CA ASN C 134 -27.83 42.41 -7.49
C ASN C 134 -27.26 43.66 -6.85
N CYS C 135 -26.92 44.65 -7.69
CA CYS C 135 -26.33 45.87 -7.19
C CYS C 135 -27.46 46.71 -6.60
N THR C 136 -27.18 47.39 -5.49
CA THR C 136 -28.18 48.23 -4.88
C THR C 136 -27.61 49.55 -4.37
N LEU D 3 26.93 16.87 -21.72
CA LEU D 3 26.46 18.11 -22.32
C LEU D 3 24.95 18.06 -22.58
N GLY D 4 24.47 18.97 -23.43
CA GLY D 4 23.07 19.09 -23.74
C GLY D 4 22.32 20.11 -22.91
N SER D 5 22.74 20.34 -21.66
CA SER D 5 22.00 21.17 -20.74
C SER D 5 21.77 22.56 -21.34
N PRO D 6 20.57 23.13 -21.19
CA PRO D 6 20.32 24.45 -21.79
C PRO D 6 20.93 25.59 -21.00
N CYS D 7 21.08 25.43 -19.68
CA CYS D 7 21.54 26.53 -18.84
C CYS D 7 22.31 25.97 -17.66
N GLY D 8 23.30 26.72 -17.20
CA GLY D 8 23.98 26.44 -15.96
C GLY D 8 25.45 26.11 -16.16
N GLY D 9 26.00 25.45 -15.16
CA GLY D 9 27.35 24.91 -15.23
C GLY D 9 28.22 25.41 -14.09
N ARG D 10 29.40 24.78 -13.99
CA ARG D 10 30.43 25.19 -13.04
C ARG D 10 31.32 26.21 -13.74
N LEU D 11 31.47 27.37 -13.13
CA LEU D 11 32.23 28.45 -13.73
C LEU D 11 33.38 28.84 -12.81
N ASN D 12 34.54 29.14 -13.41
CA ASN D 12 35.73 29.55 -12.67
C ASN D 12 35.86 31.06 -12.73
N SER D 13 36.08 31.67 -11.57
CA SER D 13 36.00 33.13 -11.43
C SER D 13 37.33 33.83 -11.65
N LYS D 14 38.41 33.08 -11.93
CA LYS D 14 39.70 33.70 -12.23
C LYS D 14 39.56 34.72 -13.36
N ASP D 15 38.72 34.41 -14.34
CA ASP D 15 38.30 35.36 -15.35
C ASP D 15 36.89 35.82 -15.01
N ALA D 16 36.70 37.13 -14.84
CA ALA D 16 35.37 37.64 -14.55
C ALA D 16 34.43 37.32 -15.70
N GLY D 17 33.21 36.92 -15.36
CA GLY D 17 32.23 36.57 -16.37
C GLY D 17 30.84 37.01 -16.01
N TYR D 18 29.85 36.57 -16.78
CA TYR D 18 28.45 36.95 -16.57
C TYR D 18 27.60 35.70 -16.50
N ILE D 19 26.51 35.79 -15.74
CA ILE D 19 25.53 34.72 -15.61
C ILE D 19 24.16 35.31 -15.90
N THR D 20 23.41 34.66 -16.79
CA THR D 20 22.24 35.25 -17.40
C THR D 20 21.08 34.27 -17.37
N SER D 21 19.87 34.80 -17.22
CA SER D 21 18.68 33.98 -17.41
C SER D 21 18.55 33.61 -18.90
N PRO D 22 18.02 32.44 -19.19
CA PRO D 22 17.99 32.01 -20.59
C PRO D 22 17.25 32.98 -21.50
N GLY D 23 17.99 33.64 -22.39
CA GLY D 23 17.41 34.56 -23.36
C GLY D 23 17.45 36.03 -23.00
N TYR D 24 17.93 36.39 -21.81
CA TYR D 24 17.98 37.80 -21.42
C TYR D 24 18.78 38.59 -22.46
N PRO D 25 18.32 39.80 -22.84
CA PRO D 25 17.19 40.57 -22.31
C PRO D 25 15.80 40.16 -22.80
N GLN D 26 15.70 39.10 -23.59
CA GLN D 26 14.36 38.64 -23.95
C GLN D 26 13.74 37.87 -22.80
N ASP D 27 12.45 37.60 -22.92
CA ASP D 27 11.73 36.95 -21.83
C ASP D 27 12.22 35.52 -21.68
N TYR D 28 12.57 35.15 -20.46
CA TYR D 28 13.08 33.82 -20.20
C TYR D 28 12.00 32.78 -20.53
N PRO D 29 12.40 31.53 -20.78
CA PRO D 29 11.41 30.50 -21.10
C PRO D 29 10.64 30.06 -19.87
N SER D 30 9.58 29.28 -20.12
CA SER D 30 8.85 28.64 -19.04
C SER D 30 9.55 27.34 -18.62
N HIS D 31 9.20 26.88 -17.43
CA HIS D 31 9.62 25.58 -16.92
C HIS D 31 11.14 25.44 -16.85
N GLN D 32 11.85 26.56 -16.66
CA GLN D 32 13.29 26.55 -16.56
C GLN D 32 13.74 26.05 -15.18
N ASN D 33 14.97 25.54 -15.12
CA ASN D 33 15.57 25.10 -13.86
C ASN D 33 17.09 25.10 -14.00
N CYS D 34 17.69 26.28 -13.99
CA CYS D 34 19.13 26.47 -14.15
C CYS D 34 19.84 26.49 -12.80
N GLU D 35 21.01 25.84 -12.74
CA GLU D 35 21.85 25.87 -11.55
C GLU D 35 23.28 26.18 -11.96
N TRP D 36 23.90 27.16 -11.30
CA TRP D 36 25.30 27.50 -11.51
C TRP D 36 26.10 27.28 -10.24
N ILE D 37 27.40 27.03 -10.39
CA ILE D 37 28.34 27.04 -9.28
C ILE D 37 29.54 27.88 -9.70
N VAL D 38 29.79 28.97 -8.96
CA VAL D 38 30.90 29.88 -9.23
C VAL D 38 31.97 29.68 -8.17
N TYR D 39 33.22 29.55 -8.59
CA TYR D 39 34.30 29.22 -7.67
C TYR D 39 35.55 30.02 -7.96
N ALA D 40 36.29 30.31 -6.88
CA ALA D 40 37.61 30.91 -6.80
C ALA D 40 38.68 29.84 -6.91
N PRO D 41 39.81 30.13 -7.60
CA PRO D 41 40.86 29.11 -7.73
C PRO D 41 41.43 28.60 -6.41
N GLU D 42 41.64 29.48 -5.43
CA GLU D 42 42.20 29.09 -4.14
C GLU D 42 41.35 29.61 -2.99
N PRO D 43 41.39 28.92 -1.84
CA PRO D 43 40.32 29.10 -0.82
C PRO D 43 40.31 30.42 -0.08
N ASN D 44 41.36 31.24 -0.18
CA ASN D 44 41.35 32.51 0.54
C ASN D 44 40.40 33.50 -0.12
N GLN D 45 40.24 33.40 -1.44
CA GLN D 45 39.46 34.34 -2.23
C GLN D 45 37.95 34.18 -1.96
N LYS D 46 37.21 35.22 -2.32
CA LYS D 46 35.75 35.21 -2.24
C LYS D 46 35.14 35.74 -3.53
N ILE D 47 33.87 35.43 -3.73
CA ILE D 47 33.14 35.77 -4.95
C ILE D 47 32.22 36.95 -4.66
N VAL D 48 32.06 37.83 -5.65
CA VAL D 48 31.16 38.98 -5.52
C VAL D 48 30.29 39.08 -6.76
N LEU D 49 28.98 39.19 -6.56
CA LEU D 49 28.01 39.34 -7.62
C LEU D 49 27.46 40.76 -7.65
N ASN D 50 27.18 41.26 -8.85
CA ASN D 50 26.51 42.54 -9.03
C ASN D 50 25.51 42.41 -10.17
N PHE D 51 24.24 42.67 -9.86
CA PHE D 51 23.18 42.50 -10.83
C PHE D 51 23.09 43.73 -11.72
N ASN D 52 22.61 43.52 -12.95
CA ASN D 52 22.34 44.65 -13.83
C ASN D 52 21.01 45.27 -13.42
N PRO D 53 20.88 46.59 -13.51
CA PRO D 53 19.64 47.24 -13.05
C PRO D 53 18.37 46.72 -13.69
N HIS D 54 18.43 46.33 -14.97
CA HIS D 54 17.25 45.77 -15.64
C HIS D 54 16.97 44.38 -15.07
N PHE D 55 15.84 44.23 -14.38
CA PHE D 55 15.58 43.05 -13.56
C PHE D 55 14.08 42.83 -13.53
N GLU D 56 13.61 41.80 -14.24
CA GLU D 56 12.18 41.54 -14.39
C GLU D 56 11.93 40.04 -14.21
N ILE D 57 11.49 39.66 -13.02
CA ILE D 57 11.12 38.29 -12.69
C ILE D 57 9.72 38.32 -12.11
N GLU D 58 8.87 37.40 -12.54
CA GLU D 58 7.49 37.39 -12.05
C GLU D 58 7.48 37.32 -10.53
N LYS D 59 6.79 38.27 -9.92
CA LYS D 59 6.71 38.35 -8.46
C LYS D 59 5.37 37.78 -8.00
N HIS D 60 5.42 36.89 -7.03
CA HIS D 60 4.25 36.37 -6.36
C HIS D 60 4.69 35.79 -5.02
N ASP D 61 5.24 36.67 -4.18
CA ASP D 61 6.09 36.29 -3.05
C ASP D 61 7.13 35.27 -3.48
N CYS D 62 7.63 35.41 -4.71
CA CYS D 62 8.72 34.58 -5.24
C CYS D 62 8.40 33.10 -5.15
N LYS D 63 7.16 32.73 -5.46
CA LYS D 63 6.72 31.35 -5.43
C LYS D 63 6.91 30.62 -6.76
N TYR D 64 6.90 31.34 -7.86
CA TYR D 64 6.87 30.74 -9.19
C TYR D 64 8.21 30.94 -9.90
N ASP D 65 8.48 32.15 -10.37
CA ASP D 65 9.74 32.50 -11.01
C ASP D 65 10.60 33.24 -9.99
N PHE D 66 11.88 32.86 -9.89
CA PHE D 66 12.76 33.50 -8.93
C PHE D 66 14.21 33.15 -9.24
N ILE D 67 15.13 33.93 -8.66
CA ILE D 67 16.54 33.60 -8.60
C ILE D 67 16.93 33.48 -7.13
N GLU D 68 17.71 32.43 -6.81
CA GLU D 68 18.15 32.21 -5.45
C GLU D 68 19.65 32.00 -5.40
N ILE D 69 20.29 32.53 -4.35
CA ILE D 69 21.74 32.48 -4.20
C ILE D 69 22.05 31.91 -2.82
N ARG D 70 22.98 30.95 -2.76
CA ARG D 70 23.43 30.40 -1.50
C ARG D 70 24.95 30.33 -1.44
N ASP D 71 25.46 30.13 -0.22
CA ASP D 71 26.89 30.28 0.08
C ASP D 71 27.54 28.91 0.12
N GLY D 72 27.80 28.36 -1.06
CA GLY D 72 28.48 27.08 -1.16
C GLY D 72 28.19 26.43 -2.49
N ASP D 73 28.63 25.17 -2.58
CA ASP D 73 28.45 24.40 -3.81
C ASP D 73 27.03 23.86 -3.93
N SER D 74 26.57 23.16 -2.90
CA SER D 74 25.32 22.43 -2.97
C SER D 74 24.11 23.37 -2.95
N GLU D 75 22.93 22.76 -3.12
CA GLU D 75 21.64 23.39 -2.88
C GLU D 75 21.32 23.51 -1.40
N SER D 76 22.11 22.86 -0.54
CA SER D 76 21.88 22.87 0.91
C SER D 76 22.64 23.99 1.62
N ALA D 77 23.40 24.80 0.90
CA ALA D 77 24.14 25.88 1.52
C ALA D 77 23.20 26.92 2.11
N ASP D 78 23.74 27.71 3.04
CA ASP D 78 22.96 28.75 3.70
C ASP D 78 22.45 29.76 2.68
N LEU D 79 21.17 30.11 2.78
CA LEU D 79 20.53 30.95 1.78
C LEU D 79 20.95 32.40 1.95
N LEU D 80 21.47 32.99 0.88
CA LEU D 80 21.85 34.39 0.87
C LEU D 80 20.78 35.30 0.28
N GLY D 81 19.84 34.75 -0.49
CA GLY D 81 18.78 35.55 -1.05
C GLY D 81 17.93 34.76 -2.02
N LYS D 82 16.64 35.08 -2.08
CA LYS D 82 15.74 34.49 -3.06
C LYS D 82 14.87 35.63 -3.58
N HIS D 83 15.18 36.07 -4.79
CA HIS D 83 14.73 37.35 -5.31
C HIS D 83 13.83 37.20 -6.52
N CYS D 84 12.80 38.04 -6.58
CA CYS D 84 11.90 38.13 -7.71
C CYS D 84 11.46 39.59 -7.83
N GLY D 85 10.61 39.89 -8.79
CA GLY D 85 10.02 41.21 -8.87
C GLY D 85 10.73 42.20 -9.76
N ASN D 86 10.75 43.47 -9.35
CA ASN D 86 11.12 44.58 -10.22
C ASN D 86 12.48 45.19 -9.92
N ILE D 87 12.97 45.08 -8.69
CA ILE D 87 14.19 45.76 -8.25
C ILE D 87 15.31 44.74 -8.15
N ALA D 88 16.45 45.04 -8.77
CA ALA D 88 17.58 44.13 -8.75
C ALA D 88 18.19 44.08 -7.36
N PRO D 89 18.68 42.93 -6.92
CA PRO D 89 19.24 42.81 -5.57
C PRO D 89 20.58 43.53 -5.47
N PRO D 90 20.97 43.93 -4.26
CA PRO D 90 22.26 44.62 -4.11
C PRO D 90 23.46 43.70 -4.27
N THR D 91 24.66 44.27 -4.17
CA THR D 91 25.90 43.50 -4.29
C THR D 91 25.96 42.38 -3.27
N ILE D 92 26.26 41.17 -3.74
CA ILE D 92 26.43 40.00 -2.90
C ILE D 92 27.91 39.70 -2.78
N ILE D 93 28.35 39.37 -1.56
CA ILE D 93 29.73 38.99 -1.31
C ILE D 93 29.70 37.61 -0.66
N SER D 94 30.37 36.65 -1.30
CA SER D 94 30.44 35.30 -0.76
C SER D 94 31.19 35.29 0.58
N SER D 95 30.77 34.38 1.45
CA SER D 95 31.49 34.19 2.71
C SER D 95 32.69 33.26 2.52
N GLY D 96 32.53 32.18 1.76
CA GLY D 96 33.62 31.29 1.44
C GLY D 96 34.21 31.57 0.06
N SER D 97 34.41 30.52 -0.74
CA SER D 97 34.96 30.67 -2.08
C SER D 97 34.09 30.00 -3.14
N MET D 98 32.86 29.63 -2.82
CA MET D 98 31.92 29.00 -3.74
C MET D 98 30.56 29.65 -3.60
N LEU D 99 29.89 29.91 -4.72
CA LEU D 99 28.56 30.47 -4.71
C LEU D 99 27.63 29.62 -5.57
N TYR D 100 26.43 29.37 -5.07
CA TYR D 100 25.40 28.60 -5.76
C TYR D 100 24.30 29.54 -6.23
N ILE D 101 24.00 29.50 -7.53
CA ILE D 101 22.96 30.34 -8.11
C ILE D 101 21.99 29.44 -8.86
N ARG D 102 20.69 29.74 -8.73
CA ARG D 102 19.66 28.93 -9.39
C ARG D 102 18.52 29.82 -9.83
N PHE D 103 18.07 29.63 -11.07
CA PHE D 103 16.89 30.30 -11.61
C PHE D 103 15.84 29.26 -11.93
N THR D 104 14.59 29.52 -11.55
CA THR D 104 13.49 28.61 -11.76
C THR D 104 12.34 29.36 -12.41
N SER D 105 11.76 28.77 -13.45
CA SER D 105 10.63 29.33 -14.16
C SER D 105 9.46 28.36 -14.08
N ASP D 106 8.26 28.90 -13.96
CA ASP D 106 7.05 28.09 -13.88
C ASP D 106 6.40 28.00 -15.26
N TYR D 107 5.12 27.60 -15.31
CA TYR D 107 4.43 27.35 -16.57
C TYR D 107 3.90 28.63 -17.20
N ALA D 108 3.60 29.65 -16.39
CA ALA D 108 2.75 30.75 -16.84
C ALA D 108 3.50 31.93 -17.40
N ARG D 109 3.81 32.93 -16.57
CA ARG D 109 4.17 34.25 -17.05
C ARG D 109 5.67 34.48 -16.99
N GLN D 110 6.15 35.28 -17.94
CA GLN D 110 7.58 35.50 -18.10
C GLN D 110 7.89 36.99 -18.12
N GLY D 111 9.18 37.29 -17.88
CA GLY D 111 9.69 38.64 -17.93
C GLY D 111 11.09 38.68 -18.49
N ALA D 112 11.73 39.85 -18.45
CA ALA D 112 13.05 40.00 -19.03
C ALA D 112 14.09 39.11 -18.35
N GLY D 113 13.90 38.79 -17.08
CA GLY D 113 14.84 37.93 -16.38
C GLY D 113 15.92 38.68 -15.65
N PHE D 114 17.11 38.09 -15.54
CA PHE D 114 18.20 38.69 -14.78
C PHE D 114 19.50 38.55 -15.54
N SER D 115 20.47 39.38 -15.15
CA SER D 115 21.86 39.25 -15.57
C SER D 115 22.74 39.83 -14.46
N LEU D 116 23.85 39.15 -14.18
CA LEU D 116 24.79 39.60 -13.17
C LEU D 116 26.22 39.31 -13.64
N ARG D 117 27.17 39.87 -12.91
CA ARG D 117 28.59 39.70 -13.20
C ARG D 117 29.28 39.13 -11.98
N TYR D 118 30.01 38.04 -12.17
CA TYR D 118 30.74 37.39 -11.09
C TYR D 118 32.23 37.64 -11.26
N GLU D 119 32.90 37.87 -10.14
CA GLU D 119 34.35 38.07 -10.14
C GLU D 119 34.86 37.80 -8.74
N ILE D 120 36.16 37.89 -8.57
CA ILE D 120 36.80 37.68 -7.28
C ILE D 120 36.88 39.03 -6.59
N PHE D 121 36.72 39.04 -5.26
CA PHE D 121 36.53 40.28 -4.54
C PHE D 121 37.87 40.98 -4.38
N LYS D 122 37.87 42.30 -4.58
CA LYS D 122 39.06 43.14 -4.49
C LYS D 122 40.15 42.66 -5.44
C1 NAG E . -15.99 -51.33 7.68
C2 NAG E . -14.90 -52.26 8.22
C3 NAG E . -14.94 -53.61 7.51
C4 NAG E . -16.33 -54.22 7.60
C5 NAG E . -17.35 -53.23 7.04
C6 NAG E . -18.77 -53.71 7.18
C7 NAG E . -12.73 -51.49 9.09
C8 NAG E . -11.41 -50.85 8.75
N2 NAG E . -13.57 -51.66 8.07
O3 NAG E . -13.99 -54.49 8.11
O4 NAG E . -16.39 -55.44 6.88
O5 NAG E . -17.25 -51.99 7.74
O6 NAG E . -19.64 -53.04 6.29
O7 NAG E . -13.01 -51.83 10.23
CA CA F . -5.52 -42.80 6.88
C1 NAG G . -4.17 24.48 -14.19
C2 NAG G . -3.16 23.50 -13.60
C3 NAG G . -3.06 22.25 -14.48
C4 NAG G . -4.45 21.64 -14.71
C5 NAG G . -5.37 22.70 -15.30
C6 NAG G . -6.78 22.20 -15.50
C7 NAG G . -1.39 24.56 -12.26
C8 NAG G . -0.02 25.15 -12.28
N2 NAG G . -1.85 24.10 -13.44
O3 NAG G . -2.21 21.29 -13.87
O4 NAG G . -4.36 20.53 -15.58
O5 NAG G . -5.44 23.83 -14.42
O6 NAG G . -7.67 23.27 -15.79
O7 NAG G . -2.06 24.49 -11.24
C1 NAG H . -32.27 40.96 -9.15
C2 NAG H . -33.49 40.98 -8.23
C3 NAG H . -34.77 40.67 -9.03
C4 NAG H . -34.90 41.60 -10.23
C5 NAG H . -33.67 41.42 -11.11
C6 NAG H . -33.67 42.36 -12.29
C7 NAG H . -34.10 40.07 -6.07
C8 NAG H . -33.79 39.07 -5.00
N2 NAG H . -33.30 40.06 -7.13
O3 NAG H . -35.88 40.83 -8.15
O4 NAG H . -36.07 41.29 -10.97
O5 NAG H . -32.52 41.75 -10.34
O6 NAG H . -33.74 43.73 -11.92
O7 NAG H . -35.04 40.84 -5.98
CA CA I . 6.18 32.20 -14.75
#